data_6G2O
#
_entry.id   6G2O
#
_cell.length_a   44.279
_cell.length_b   47.568
_cell.length_c   61.113
_cell.angle_alpha   90.000
_cell.angle_beta   90.000
_cell.angle_gamma   90.000
#
_symmetry.space_group_name_H-M   'P 21 21 21'
#
loop_
_entity.id
_entity.type
_entity.pdbx_description
1 polymer 'Histone-lysine N-methyltransferase NSD3'
2 non-polymer [4-[5-(7-fluoranylquinolin-4-yl)-1-methyl-imidazol-4-yl]-3,5-dimethyl-phenyl]methanamine
3 water water
#
_entity_poly.entity_id   1
_entity_poly.type   'polypeptide(L)'
_entity_poly.pdbx_seq_one_letter_code
;STGVKFQVGDLVWSKVGTYPWWPCMVSSDPQLEVHTKINTRGAREYHVQFFSNQPERAWVHEKRVREYKGHKQYEELLAE
ATKQASNHSEKQKIRKPRPQRERAQWDIGIAHAEKALKMTREERIEQYTFIYIDKQ
;
_entity_poly.pdbx_strand_id   A
#
# COMPACT_ATOMS: atom_id res chain seq x y z
N VAL A 4 -9.42 -2.56 14.55
CA VAL A 4 -9.29 -2.72 13.10
C VAL A 4 -9.76 -1.43 12.41
N LYS A 5 -8.82 -0.68 11.82
CA LYS A 5 -9.09 0.60 11.13
C LYS A 5 -9.25 0.45 9.62
N PHE A 6 -8.62 -0.57 9.02
CA PHE A 6 -8.72 -0.82 7.58
C PHE A 6 -9.35 -2.16 7.27
N GLN A 7 -10.05 -2.24 6.14
CA GLN A 7 -10.66 -3.49 5.71
C GLN A 7 -10.11 -3.92 4.35
N VAL A 8 -10.34 -5.19 3.98
CA VAL A 8 -9.93 -5.74 2.68
C VAL A 8 -10.45 -4.80 1.56
N GLY A 9 -9.59 -4.49 0.59
CA GLY A 9 -9.90 -3.61 -0.52
C GLY A 9 -9.68 -2.14 -0.25
N ASP A 10 -9.40 -1.75 1.00
CA ASP A 10 -9.07 -0.34 1.25
C ASP A 10 -7.77 0.03 0.54
N LEU A 11 -7.72 1.26 -0.01
CA LEU A 11 -6.50 1.78 -0.62
C LEU A 11 -5.75 2.46 0.47
N VAL A 12 -4.45 2.18 0.56
CA VAL A 12 -3.58 2.74 1.58
C VAL A 12 -2.21 3.08 1.02
N TRP A 13 -1.48 3.96 1.71
CA TRP A 13 -0.06 4.24 1.46
C TRP A 13 0.66 3.43 2.52
N SER A 14 1.76 2.78 2.15
CA SER A 14 2.56 2.01 3.12
C SER A 14 4.01 2.48 3.04
N LYS A 15 4.63 2.66 4.21
CA LYS A 15 6.04 3.05 4.37
C LYS A 15 6.84 1.86 4.88
N VAL A 16 7.58 1.20 3.97
CA VAL A 16 8.31 -0.03 4.27
C VAL A 16 9.78 0.11 3.87
N GLY A 17 10.67 -0.23 4.80
CA GLY A 17 12.12 -0.21 4.64
C GLY A 17 12.69 1.08 4.09
N THR A 18 13.48 0.96 3.02
CA THR A 18 14.18 2.08 2.38
C THR A 18 13.35 2.76 1.29
N TYR A 19 12.11 2.32 1.12
CA TYR A 19 11.24 2.78 0.04
C TYR A 19 10.28 3.91 0.44
N PRO A 20 9.98 4.83 -0.50
CA PRO A 20 9.04 5.92 -0.20
C PRO A 20 7.61 5.40 0.04
N TRP A 21 6.75 6.26 0.62
CA TRP A 21 5.33 5.95 0.83
C TRP A 21 4.79 5.42 -0.49
N TRP A 22 4.29 4.17 -0.47
CA TRP A 22 3.89 3.45 -1.69
C TRP A 22 2.40 3.14 -1.75
N PRO A 23 1.75 3.31 -2.94
CA PRO A 23 0.33 2.95 -3.04
C PRO A 23 0.12 1.43 -2.93
N CYS A 24 -0.83 1.06 -2.07
CA CYS A 24 -1.18 -0.32 -1.75
C CYS A 24 -2.70 -0.52 -1.69
N MET A 25 -3.10 -1.80 -1.55
CA MET A 25 -4.48 -2.23 -1.30
C MET A 25 -4.42 -3.27 -0.20
N VAL A 26 -5.22 -3.08 0.86
CA VAL A 26 -5.31 -4.01 1.99
C VAL A 26 -5.95 -5.32 1.47
N SER A 27 -5.39 -6.45 1.87
CA SER A 27 -5.88 -7.74 1.42
C SER A 27 -5.71 -8.79 2.49
N SER A 28 -6.39 -9.92 2.31
CA SER A 28 -6.27 -11.02 3.26
C SER A 28 -5.00 -11.83 2.98
N ASP A 29 -4.17 -12.07 4.00
CA ASP A 29 -2.96 -12.87 3.84
C ASP A 29 -3.41 -14.28 3.37
N PRO A 30 -2.81 -14.87 2.30
CA PRO A 30 -3.31 -16.17 1.80
C PRO A 30 -3.13 -17.34 2.77
N GLN A 31 -2.09 -17.29 3.61
CA GLN A 31 -1.80 -18.34 4.59
C GLN A 31 -2.67 -18.21 5.84
N LEU A 32 -2.64 -17.03 6.49
CA LEU A 32 -3.37 -16.77 7.74
C LEU A 32 -4.86 -16.45 7.57
N GLU A 33 -5.28 -16.05 6.34
CA GLU A 33 -6.66 -15.74 5.95
C GLU A 33 -7.28 -14.61 6.80
N VAL A 34 -6.41 -13.62 7.12
CA VAL A 34 -6.77 -12.41 7.85
C VAL A 34 -6.06 -11.23 7.17
N HIS A 35 -6.65 -10.04 7.26
CA HIS A 35 -6.03 -8.87 6.64
C HIS A 35 -5.33 -8.01 7.70
N THR A 36 -5.54 -8.38 8.97
CA THR A 36 -4.97 -7.70 10.13
C THR A 36 -4.60 -8.72 11.22
N LYS A 37 -3.56 -8.40 12.01
CA LYS A 37 -3.10 -9.25 13.11
C LYS A 37 -2.33 -8.40 14.13
N ILE A 38 -2.10 -8.97 15.30
CA ILE A 38 -1.27 -8.32 16.31
C ILE A 38 0.05 -9.07 16.22
N ASN A 39 1.15 -8.35 16.02
CA ASN A 39 2.49 -8.92 15.89
C ASN A 39 3.10 -9.38 17.24
N THR A 40 4.34 -9.93 17.21
CA THR A 40 5.04 -10.42 18.41
C THR A 40 5.44 -9.32 19.39
N ARG A 41 5.25 -8.04 19.02
CA ARG A 41 5.57 -6.90 19.89
C ARG A 41 4.27 -6.24 20.40
N GLY A 42 3.13 -6.80 20.02
CA GLY A 42 1.82 -6.31 20.47
C GLY A 42 1.24 -5.17 19.67
N ALA A 43 1.80 -4.90 18.49
CA ALA A 43 1.32 -3.84 17.62
C ALA A 43 0.44 -4.41 16.52
N ARG A 44 -0.56 -3.64 16.11
CA ARG A 44 -1.45 -4.05 15.00
C ARG A 44 -0.70 -3.86 13.69
N GLU A 45 -0.83 -4.86 12.80
CA GLU A 45 -0.27 -4.87 11.43
C GLU A 45 -1.39 -5.14 10.43
N TYR A 46 -1.23 -4.63 9.22
CA TYR A 46 -2.16 -4.89 8.12
C TYR A 46 -1.42 -5.56 6.99
N HIS A 47 -2.14 -6.46 6.29
CA HIS A 47 -1.57 -7.15 5.14
C HIS A 47 -1.89 -6.34 3.89
N VAL A 48 -0.86 -5.98 3.12
CA VAL A 48 -1.09 -5.13 1.93
C VAL A 48 -0.47 -5.70 0.66
N GLN A 49 -1.05 -5.35 -0.50
CA GLN A 49 -0.48 -5.64 -1.80
C GLN A 49 0.10 -4.31 -2.28
N PHE A 50 1.31 -4.30 -2.82
CA PHE A 50 1.89 -3.07 -3.40
C PHE A 50 1.47 -2.96 -4.86
N PHE A 51 0.99 -1.78 -5.28
CA PHE A 51 0.67 -1.48 -6.69
C PHE A 51 2.01 -1.20 -7.37
N SER A 52 2.34 -2.01 -8.36
CA SER A 52 3.62 -1.94 -9.05
C SER A 52 3.58 -2.85 -10.26
N ASN A 53 4.61 -2.76 -11.13
CA ASN A 53 4.76 -3.71 -12.23
C ASN A 53 5.38 -4.98 -11.60
N GLN A 54 5.94 -4.86 -10.36
CA GLN A 54 6.46 -6.03 -9.66
C GLN A 54 5.60 -6.31 -8.44
N PRO A 55 4.61 -7.22 -8.58
CA PRO A 55 3.69 -7.46 -7.46
C PRO A 55 4.39 -8.01 -6.23
N GLU A 56 4.07 -7.43 -5.06
CA GLU A 56 4.63 -7.82 -3.77
C GLU A 56 3.58 -7.63 -2.70
N ARG A 57 3.72 -8.36 -1.59
CA ARG A 57 2.85 -8.26 -0.41
C ARG A 57 3.70 -8.09 0.83
N ALA A 58 3.12 -7.54 1.92
CA ALA A 58 3.81 -7.38 3.20
C ALA A 58 2.83 -7.14 4.34
N TRP A 59 3.26 -7.52 5.56
CA TRP A 59 2.60 -7.18 6.81
C TRP A 59 3.26 -5.85 7.20
N VAL A 60 2.44 -4.82 7.38
CA VAL A 60 2.95 -3.48 7.66
C VAL A 60 2.34 -2.97 8.96
N HIS A 61 3.21 -2.47 9.86
CA HIS A 61 2.84 -1.84 11.14
C HIS A 61 1.80 -0.75 10.89
N GLU A 62 0.72 -0.70 11.71
CA GLU A 62 -0.34 0.30 11.57
C GLU A 62 0.15 1.77 11.53
N LYS A 63 1.27 2.09 12.20
CA LYS A 63 1.83 3.45 12.19
C LYS A 63 2.45 3.77 10.81
N ARG A 64 2.63 2.75 9.96
CA ARG A 64 3.25 2.88 8.64
C ARG A 64 2.23 2.73 7.52
N VAL A 65 0.95 2.81 7.85
CA VAL A 65 -0.15 2.67 6.88
C VAL A 65 -1.00 3.93 7.02
N ARG A 66 -1.36 4.55 5.89
CA ARG A 66 -2.22 5.74 5.87
C ARG A 66 -3.28 5.55 4.81
N GLU A 67 -4.48 6.06 5.05
CA GLU A 67 -5.56 6.00 4.05
C GLU A 67 -5.10 6.71 2.76
N TYR A 68 -5.32 6.07 1.58
CA TYR A 68 -4.95 6.63 0.29
C TYR A 68 -6.15 7.47 -0.21
N LYS A 69 -5.98 8.80 -0.26
CA LYS A 69 -7.04 9.73 -0.71
C LYS A 69 -6.82 10.20 -2.14
N GLY A 70 -5.61 9.98 -2.66
CA GLY A 70 -5.21 10.44 -3.99
C GLY A 70 -3.71 10.63 -4.05
N HIS A 71 -3.13 10.53 -5.25
CA HIS A 71 -1.67 10.62 -5.43
C HIS A 71 -1.04 11.94 -4.92
N LYS A 72 -1.79 13.06 -4.95
CA LYS A 72 -1.32 14.37 -4.51
C LYS A 72 -1.11 14.46 -3.01
N GLN A 73 -1.65 13.49 -2.25
CA GLN A 73 -1.50 13.38 -0.80
C GLN A 73 -0.04 13.03 -0.44
N TYR A 74 0.74 12.49 -1.40
CA TYR A 74 2.14 12.10 -1.17
C TYR A 74 2.96 13.15 -0.41
N GLU A 75 2.93 14.42 -0.86
CA GLU A 75 3.63 15.55 -0.23
C GLU A 75 3.25 15.78 1.24
N GLU A 76 1.97 15.49 1.60
CA GLU A 76 1.50 15.62 2.97
C GLU A 76 2.18 14.57 3.87
N LEU A 77 2.47 13.36 3.31
CA LEU A 77 3.13 12.29 4.04
C LEU A 77 4.59 12.61 4.35
N LEU A 78 5.32 13.24 3.41
CA LEU A 78 6.71 13.67 3.63
C LEU A 78 6.73 14.76 4.71
N ALA A 79 5.72 15.64 4.71
CA ALA A 79 5.55 16.77 5.64
C ALA A 79 5.24 16.33 7.08
N GLU A 80 4.95 15.03 7.32
CA GLU A 80 4.71 14.49 8.66
C GLU A 80 6.04 14.36 9.40
N GLN A 92 16.71 27.31 3.78
CA GLN A 92 16.53 26.22 2.80
C GLN A 92 15.78 25.01 3.34
N LYS A 93 15.03 24.33 2.44
CA LYS A 93 14.27 23.10 2.70
C LYS A 93 15.00 21.92 2.03
N ILE A 94 14.92 20.75 2.64
CA ILE A 94 15.56 19.53 2.14
C ILE A 94 14.58 18.64 1.40
N ARG A 95 14.99 18.17 0.22
CA ARG A 95 14.25 17.17 -0.55
C ARG A 95 15.19 16.05 -0.96
N LYS A 96 14.78 14.81 -0.72
CA LYS A 96 15.55 13.62 -1.09
C LYS A 96 15.36 13.30 -2.57
N PRO A 97 16.44 12.98 -3.32
CA PRO A 97 16.22 12.54 -4.72
C PRO A 97 15.73 11.08 -4.73
N ARG A 98 15.25 10.61 -5.87
CA ARG A 98 14.77 9.22 -5.97
C ARG A 98 15.41 8.55 -7.19
N PRO A 99 15.77 7.24 -7.11
CA PRO A 99 16.33 6.58 -8.31
C PRO A 99 15.29 6.57 -9.45
N GLN A 100 15.75 6.82 -10.68
CA GLN A 100 14.93 6.86 -11.91
C GLN A 100 14.01 5.63 -12.05
N ARG A 101 14.58 4.43 -11.83
CA ARG A 101 13.91 3.14 -11.96
C ARG A 101 12.81 2.99 -10.88
N GLU A 102 13.10 3.41 -9.64
CA GLU A 102 12.13 3.38 -8.54
C GLU A 102 10.95 4.33 -8.82
N ARG A 103 11.26 5.57 -9.29
CA ARG A 103 10.26 6.58 -9.65
C ARG A 103 9.31 6.06 -10.75
N ALA A 104 9.88 5.39 -11.78
CA ALA A 104 9.13 4.78 -12.88
C ALA A 104 8.13 3.75 -12.36
N GLN A 105 8.57 2.85 -11.45
CA GLN A 105 7.71 1.83 -10.87
C GLN A 105 6.66 2.48 -9.95
N TRP A 106 7.04 3.54 -9.19
CA TRP A 106 6.12 4.28 -8.31
C TRP A 106 5.00 4.93 -9.14
N ASP A 107 5.38 5.62 -10.24
CA ASP A 107 4.42 6.21 -11.19
C ASP A 107 3.44 5.15 -11.73
N ILE A 108 3.93 3.93 -12.03
CA ILE A 108 3.07 2.82 -12.50
C ILE A 108 2.08 2.42 -11.39
N GLY A 109 2.58 2.28 -10.15
CA GLY A 109 1.76 1.94 -8.99
C GLY A 109 0.67 2.98 -8.74
N ILE A 110 1.03 4.26 -8.84
CA ILE A 110 0.12 5.38 -8.66
C ILE A 110 -0.99 5.35 -9.72
N ALA A 111 -0.63 5.09 -10.99
CA ALA A 111 -1.60 5.00 -12.09
C ALA A 111 -2.66 3.91 -11.79
N HIS A 112 -2.22 2.74 -11.26
CA HIS A 112 -3.12 1.65 -10.85
C HIS A 112 -4.00 2.07 -9.67
N ALA A 113 -3.40 2.75 -8.67
CA ALA A 113 -4.11 3.22 -7.48
C ALA A 113 -5.18 4.23 -7.84
N GLU A 114 -4.86 5.14 -8.78
CA GLU A 114 -5.79 6.16 -9.27
C GLU A 114 -6.98 5.50 -10.00
N LYS A 115 -6.72 4.42 -10.77
CA LYS A 115 -7.78 3.67 -11.46
C LYS A 115 -8.66 2.96 -10.39
N ALA A 116 -8.01 2.34 -9.39
CA ALA A 116 -8.66 1.62 -8.28
C ALA A 116 -9.52 2.56 -7.43
N LEU A 117 -9.07 3.83 -7.29
CA LEU A 117 -9.79 4.84 -6.49
C LEU A 117 -11.17 5.19 -7.06
N LYS A 118 -11.33 5.07 -8.39
CA LYS A 118 -12.59 5.37 -9.07
C LYS A 118 -13.56 4.20 -9.00
N MET A 119 -13.04 3.01 -8.60
CA MET A 119 -13.84 1.79 -8.45
C MET A 119 -14.44 1.69 -7.06
N THR A 120 -15.46 0.85 -6.90
CA THR A 120 -15.99 0.58 -5.56
C THR A 120 -15.03 -0.44 -4.93
N ARG A 121 -15.06 -0.58 -3.59
CA ARG A 121 -14.26 -1.56 -2.88
C ARG A 121 -14.44 -2.97 -3.45
N GLU A 122 -15.71 -3.38 -3.72
CA GLU A 122 -16.06 -4.67 -4.32
C GLU A 122 -15.36 -4.86 -5.68
N GLU A 123 -15.42 -3.83 -6.56
CA GLU A 123 -14.80 -3.87 -7.88
C GLU A 123 -13.27 -3.97 -7.77
N ARG A 124 -12.63 -3.14 -6.92
CA ARG A 124 -11.17 -3.19 -6.83
C ARG A 124 -10.70 -4.52 -6.23
N ILE A 125 -11.46 -5.13 -5.30
CA ILE A 125 -11.09 -6.44 -4.74
C ILE A 125 -11.08 -7.47 -5.88
N GLU A 126 -12.14 -7.45 -6.72
CA GLU A 126 -12.25 -8.32 -7.90
C GLU A 126 -11.08 -8.08 -8.87
N GLN A 127 -10.81 -6.81 -9.24
CA GLN A 127 -9.81 -6.46 -10.25
C GLN A 127 -8.36 -6.60 -9.83
N TYR A 128 -8.04 -6.40 -8.54
CA TYR A 128 -6.63 -6.36 -8.10
C TYR A 128 -6.14 -7.44 -7.15
N THR A 129 -7.04 -8.16 -6.44
CA THR A 129 -6.56 -9.19 -5.50
C THR A 129 -5.67 -10.22 -6.21
N PHE A 130 -4.45 -10.42 -5.71
CA PHE A 130 -3.50 -11.36 -6.30
C PHE A 130 -3.97 -12.79 -6.17
N ILE A 131 -3.58 -13.61 -7.13
CA ILE A 131 -3.79 -15.05 -7.15
C ILE A 131 -2.47 -15.61 -6.64
N TYR A 132 -2.53 -16.53 -5.66
CA TYR A 132 -1.35 -17.13 -5.09
C TYR A 132 -1.24 -18.57 -5.56
N ILE A 133 -0.08 -18.94 -6.11
CA ILE A 133 0.19 -20.28 -6.62
C ILE A 133 1.28 -20.95 -5.79
N ASP A 134 1.01 -22.18 -5.28
CA ASP A 134 1.95 -23.00 -4.51
C ASP A 134 3.06 -23.52 -5.43
#